data_3LZZ
#
_entry.id   3LZZ
#
_cell.length_a   88.860
_cell.length_b   88.860
_cell.length_c   168.170
_cell.angle_alpha   90.00
_cell.angle_beta   90.00
_cell.angle_gamma   90.00
#
_symmetry.space_group_name_H-M   'I 41'
#
loop_
_entity.id
_entity.type
_entity.pdbx_description
1 polymer 'Putative uncharacterized protein'
2 non-polymer "GUANOSINE-5'-DIPHOSPHATE"
3 non-polymer 'ACETATE ION'
4 water water
#
_entity_poly.entity_id   1
_entity_poly.type   'polypeptide(L)'
_entity_poly.pdbx_seq_one_letter_code
;MAATVDTMSEEVKRLIALYELTPHPASGGWFRETYRSDVQVEAEGFDGKRSVLTMIYYLMQAGQPDPFHRVKSDETFVHN
LGGSMKIHMIHPDGSYSCSILGNPLEHPEARHQVVVPRRVWFAQEVDGYCLASVLVAPGFDFKDFSLGKREELIKEYPQH
RDVIMRCTSSDP
;
_entity_poly.pdbx_strand_id   A,B
#
loop_
_chem_comp.id
_chem_comp.type
_chem_comp.name
_chem_comp.formula
ACT non-polymer 'ACETATE ION' 'C2 H3 O2 -1'
GDP RNA linking GUANOSINE-5'-DIPHOSPHATE 'C10 H15 N5 O11 P2'
#
# COMPACT_ATOMS: atom_id res chain seq x y z
N GLU A 10 -6.36 -24.58 5.96
CA GLU A 10 -5.87 -23.39 6.74
C GLU A 10 -5.79 -22.25 5.77
N GLU A 11 -6.28 -21.07 6.19
CA GLU A 11 -6.25 -19.85 5.41
C GLU A 11 -4.82 -19.43 5.20
N VAL A 12 -4.04 -19.53 6.27
CA VAL A 12 -2.64 -19.14 6.19
C VAL A 12 -1.93 -19.83 5.00
N LYS A 13 -1.92 -21.15 4.97
CA LYS A 13 -1.26 -21.88 3.89
C LYS A 13 -1.86 -21.56 2.53
N ARG A 14 -3.15 -21.21 2.43
CA ARG A 14 -3.62 -20.87 1.07
C ARG A 14 -2.91 -19.59 0.63
N LEU A 15 -2.76 -18.67 1.58
CA LEU A 15 -2.15 -17.38 1.26
C LEU A 15 -0.67 -17.57 0.96
N ILE A 16 -0.02 -18.38 1.81
CA ILE A 16 1.39 -18.71 1.59
C ILE A 16 1.55 -19.35 0.24
N ALA A 17 0.68 -20.31 -0.10
CA ALA A 17 0.75 -20.94 -1.44
C ALA A 17 0.49 -19.95 -2.52
N LEU A 18 -0.61 -19.22 -2.41
CA LEU A 18 -1.05 -18.45 -3.54
C LEU A 18 -0.17 -17.24 -3.76
N TYR A 19 0.32 -16.62 -2.66
CA TYR A 19 1.19 -15.45 -2.83
C TYR A 19 2.69 -15.77 -2.86
N GLU A 20 3.03 -17.06 -2.72
CA GLU A 20 4.43 -17.55 -2.82
C GLU A 20 5.30 -16.94 -1.74
N LEU A 21 4.78 -16.89 -0.53
CA LEU A 21 5.53 -16.34 0.58
C LEU A 21 6.58 -17.32 1.05
N THR A 22 7.70 -16.80 1.49
CA THR A 22 8.72 -17.62 2.08
C THR A 22 8.97 -17.12 3.50
N PRO A 23 9.55 -17.93 4.40
CA PRO A 23 9.68 -17.41 5.82
C PRO A 23 10.77 -16.30 5.98
N HIS A 24 10.48 -15.26 6.78
CA HIS A 24 11.21 -13.96 6.73
C HIS A 24 12.59 -14.14 7.37
N PRO A 25 13.72 -13.76 6.66
CA PRO A 25 15.07 -14.05 7.20
C PRO A 25 15.17 -13.55 8.60
N ALA A 26 14.88 -12.27 8.81
CA ALA A 26 14.82 -11.67 10.15
C ALA A 26 13.45 -11.68 10.79
N SER A 27 12.88 -12.85 11.03
CA SER A 27 11.42 -13.15 11.27
C SER A 27 10.89 -13.55 12.68
N GLY A 28 9.58 -13.86 12.79
CA GLY A 28 8.59 -13.76 11.65
C GLY A 28 7.49 -14.82 11.52
N GLY A 29 6.63 -14.75 10.50
CA GLY A 29 6.65 -13.75 9.46
C GLY A 29 6.89 -14.44 8.13
N TRP A 30 6.02 -14.23 7.13
CA TRP A 30 6.25 -14.76 5.78
C TRP A 30 6.17 -13.60 4.83
N PHE A 31 6.91 -13.61 3.74
CA PHE A 31 7.00 -12.43 2.93
C PHE A 31 7.38 -12.78 1.49
N ARG A 32 7.28 -11.80 0.59
CA ARG A 32 7.78 -11.84 -0.78
C ARG A 32 7.72 -10.41 -1.29
N GLU A 33 8.81 -9.94 -1.91
CA GLU A 33 8.88 -8.65 -2.52
C GLU A 33 8.18 -8.80 -3.83
N THR A 34 7.07 -8.06 -4.00
CA THR A 34 6.21 -8.17 -5.19
C THR A 34 6.47 -7.07 -6.15
N TYR A 35 7.11 -5.98 -5.75
CA TYR A 35 7.28 -4.83 -6.63
C TYR A 35 8.47 -4.00 -6.21
N ARG A 36 9.21 -3.52 -7.19
CA ARG A 36 10.32 -2.64 -7.01
C ARG A 36 10.31 -1.73 -8.18
N SER A 37 10.20 -0.45 -7.96
CA SER A 37 10.09 0.53 -9.00
C SER A 37 11.32 0.74 -9.82
N ASP A 38 11.09 1.02 -11.09
CA ASP A 38 12.11 1.34 -12.04
C ASP A 38 12.77 2.66 -11.66
N VAL A 39 12.02 3.62 -11.18
CA VAL A 39 12.53 4.93 -10.88
C VAL A 39 13.39 5.01 -9.62
N GLN A 40 14.47 5.76 -9.73
CA GLN A 40 15.44 5.94 -8.68
C GLN A 40 15.51 7.37 -8.18
N VAL A 41 16.11 7.56 -7.02
CA VAL A 41 16.18 8.89 -6.44
C VAL A 41 17.25 8.97 -5.36
N GLU A 42 18.23 9.85 -5.57
CA GLU A 42 19.32 10.01 -4.62
C GLU A 42 18.87 10.83 -3.41
N ALA A 43 18.53 10.14 -2.32
CA ALA A 43 18.09 10.80 -1.10
C ALA A 43 19.21 10.90 -0.08
N GLU A 44 19.43 12.11 0.43
CA GLU A 44 20.48 12.35 1.43
C GLU A 44 20.35 11.37 2.58
N GLY A 45 21.48 10.82 3.02
CA GLY A 45 21.46 9.88 4.10
C GLY A 45 21.34 8.46 3.65
N PHE A 46 21.05 8.31 2.36
CA PHE A 46 21.16 7.02 1.70
C PHE A 46 22.49 6.79 0.96
N ASP A 47 23.17 5.70 1.29
CA ASP A 47 24.38 5.32 0.58
C ASP A 47 24.13 4.79 -0.86
N GLY A 48 24.05 5.67 -1.85
CA GLY A 48 23.68 5.20 -3.23
C GLY A 48 22.25 5.49 -3.68
N LYS A 49 21.93 5.23 -4.94
CA LYS A 49 20.57 5.48 -5.42
C LYS A 49 19.68 4.41 -4.80
N ARG A 50 18.39 4.68 -4.84
CA ARG A 50 17.40 3.75 -4.34
C ARG A 50 16.21 3.81 -5.28
N SER A 51 15.53 2.68 -5.36
CA SER A 51 14.23 2.68 -5.93
C SER A 51 13.28 3.63 -5.11
N VAL A 52 12.37 4.32 -5.77
CA VAL A 52 11.41 5.12 -5.06
C VAL A 52 10.47 4.31 -4.21
N LEU A 53 10.22 3.04 -4.54
CA LEU A 53 9.15 2.26 -3.83
C LEU A 53 9.30 0.78 -4.01
N THR A 54 9.18 0.01 -2.93
CA THR A 54 9.14 -1.45 -3.03
C THR A 54 7.93 -1.83 -2.18
N MET A 55 7.36 -3.00 -2.48
CA MET A 55 6.24 -3.51 -1.75
C MET A 55 6.44 -5.01 -1.50
N ILE A 56 6.03 -5.53 -0.35
CA ILE A 56 6.03 -6.98 -0.03
C ILE A 56 4.64 -7.39 0.43
N TYR A 57 4.27 -8.67 0.32
CA TYR A 57 3.22 -9.20 1.14
C TYR A 57 3.94 -9.54 2.40
N TYR A 58 3.29 -9.45 3.55
CA TYR A 58 3.88 -9.82 4.80
C TYR A 58 2.82 -10.47 5.64
N LEU A 59 3.04 -11.73 6.06
CA LEU A 59 1.99 -12.48 6.73
C LEU A 59 2.53 -12.90 8.05
N MET A 60 1.71 -12.73 9.08
CA MET A 60 2.15 -13.03 10.43
C MET A 60 1.18 -13.94 11.06
N GLN A 61 1.70 -14.73 12.00
CA GLN A 61 0.88 -15.59 12.86
C GLN A 61 1.24 -15.42 14.30
N ALA A 62 0.35 -15.83 15.16
CA ALA A 62 0.51 -15.70 16.58
C ALA A 62 1.67 -16.48 17.14
N GLY A 63 2.31 -15.89 18.13
CA GLY A 63 3.42 -16.45 18.85
C GLY A 63 4.77 -16.18 18.30
N GLN A 64 4.82 -15.49 17.20
CA GLN A 64 6.06 -15.26 16.49
C GLN A 64 6.21 -13.79 16.14
N PRO A 65 6.69 -12.98 17.07
CA PRO A 65 6.83 -11.54 16.87
C PRO A 65 7.93 -11.16 15.92
N ASP A 66 7.65 -10.38 14.90
CA ASP A 66 8.69 -9.78 14.10
C ASP A 66 9.45 -8.97 15.10
N PRO A 67 10.73 -9.22 15.29
CA PRO A 67 11.48 -8.50 16.29
C PRO A 67 11.80 -7.06 15.95
N PHE A 68 12.28 -6.31 16.89
CA PHE A 68 12.57 -4.91 16.70
C PHE A 68 13.64 -4.67 15.69
N HIS A 69 13.35 -3.71 14.82
CA HIS A 69 14.21 -3.36 13.69
C HIS A 69 13.85 -1.95 13.26
N ARG A 70 14.62 -1.40 12.31
CA ARG A 70 14.32 -0.11 11.79
C ARG A 70 15.07 0.02 10.52
N VAL A 71 14.65 1.03 9.73
CA VAL A 71 15.15 1.34 8.40
C VAL A 71 15.25 2.87 8.32
N LYS A 72 15.68 3.39 7.18
CA LYS A 72 15.86 4.79 6.97
C LYS A 72 14.64 5.42 6.24
N SER A 73 13.58 4.64 6.00
CA SER A 73 12.40 5.15 5.27
C SER A 73 11.13 4.99 6.12
N ASP A 74 10.16 5.88 5.94
CA ASP A 74 8.83 5.62 6.47
C ASP A 74 8.42 4.28 5.93
N GLU A 75 7.73 3.50 6.72
CA GLU A 75 7.38 2.17 6.24
C GLU A 75 5.87 2.06 6.41
N THR A 76 5.13 1.74 5.35
CA THR A 76 3.68 1.85 5.37
C THR A 76 3.07 0.46 5.34
N PHE A 77 2.32 0.11 6.38
CA PHE A 77 1.58 -1.11 6.43
C PHE A 77 0.14 -0.89 5.98
N VAL A 78 -0.36 -1.84 5.19
CA VAL A 78 -1.73 -1.82 4.74
C VAL A 78 -2.40 -3.17 4.94
N HIS A 79 -3.55 -3.19 5.64
CA HIS A 79 -4.14 -4.44 6.10
C HIS A 79 -4.97 -5.07 5.00
N ASN A 80 -4.72 -6.33 4.70
CA ASN A 80 -5.35 -7.01 3.60
C ASN A 80 -6.44 -7.96 4.15
N LEU A 81 -6.03 -8.83 5.10
CA LEU A 81 -6.87 -9.94 5.66
C LEU A 81 -6.49 -10.30 7.08
N GLY A 82 -7.43 -10.93 7.81
CA GLY A 82 -7.17 -11.48 9.12
C GLY A 82 -7.40 -10.52 10.28
N GLY A 83 -6.76 -10.81 11.40
CA GLY A 83 -6.96 -10.07 12.62
C GLY A 83 -6.11 -8.81 12.67
N SER A 84 -6.11 -8.15 13.83
CA SER A 84 -5.28 -6.97 14.05
C SER A 84 -3.81 -7.31 14.22
N MET A 85 -2.97 -6.29 14.08
CA MET A 85 -1.57 -6.45 14.23
C MET A 85 -1.12 -5.24 15.10
N LYS A 86 -0.55 -5.55 16.29
CA LYS A 86 0.08 -4.59 17.12
C LYS A 86 1.39 -4.19 16.48
N ILE A 87 1.54 -2.91 16.21
CA ILE A 87 2.84 -2.39 15.82
C ILE A 87 3.48 -1.57 16.93
N HIS A 88 4.46 -2.17 17.60
CA HIS A 88 5.16 -1.53 18.71
C HIS A 88 6.17 -0.61 18.14
N MET A 89 6.24 0.59 18.70
CA MET A 89 7.25 1.57 18.26
C MET A 89 7.99 2.19 19.42
N ILE A 90 9.33 2.08 19.40
CA ILE A 90 10.21 2.92 20.21
C ILE A 90 10.83 4.02 19.33
N HIS A 91 10.51 5.29 19.59
CA HIS A 91 10.92 6.41 18.76
C HIS A 91 12.27 6.90 19.25
N PRO A 92 13.02 7.60 18.39
CA PRO A 92 14.39 8.08 18.77
C PRO A 92 14.45 8.82 20.13
N ASP A 93 13.44 9.60 20.49
CA ASP A 93 13.42 10.28 21.75
C ASP A 93 13.15 9.32 22.91
N GLY A 94 12.97 8.01 22.63
CA GLY A 94 12.79 7.00 23.67
C GLY A 94 11.33 6.71 24.08
N SER A 95 10.40 7.48 23.57
CA SER A 95 8.98 7.20 23.89
C SER A 95 8.41 5.99 23.16
N TYR A 96 7.31 5.46 23.69
CA TYR A 96 6.75 4.23 23.20
C TYR A 96 5.35 4.57 22.71
N SER A 97 4.98 4.07 21.52
CA SER A 97 3.58 4.14 21.08
C SER A 97 3.29 2.77 20.49
N CYS A 98 2.03 2.54 20.14
CA CYS A 98 1.58 1.26 19.63
C CYS A 98 0.47 1.57 18.66
N SER A 99 0.61 1.19 17.40
CA SER A 99 -0.47 1.40 16.44
C SER A 99 -1.08 0.05 16.16
N ILE A 100 -2.40 0.05 16.03
CA ILE A 100 -3.16 -1.12 15.67
C ILE A 100 -3.56 -1.10 14.21
N LEU A 101 -2.97 -2.01 13.44
CA LEU A 101 -3.35 -2.21 12.06
C LEU A 101 -4.46 -3.22 12.00
N GLY A 102 -5.60 -2.90 11.35
CA GLY A 102 -6.73 -3.84 11.23
C GLY A 102 -7.97 -3.13 10.69
N ASN A 103 -9.11 -3.79 10.81
CA ASN A 103 -10.39 -3.33 10.32
C ASN A 103 -11.20 -2.64 11.42
N PRO A 104 -11.38 -1.31 11.34
CA PRO A 104 -12.18 -0.65 12.40
C PRO A 104 -13.66 -1.08 12.42
N LEU A 105 -14.21 -1.66 11.35
CA LEU A 105 -15.54 -2.24 11.50
C LEU A 105 -15.61 -3.34 12.57
N GLU A 106 -14.50 -4.08 12.83
CA GLU A 106 -14.53 -5.19 13.80
C GLU A 106 -13.86 -4.75 15.09
N HIS A 107 -12.88 -3.87 14.98
CA HIS A 107 -12.18 -3.43 16.17
C HIS A 107 -12.06 -1.95 16.01
N PRO A 108 -12.82 -1.17 16.82
CA PRO A 108 -12.94 0.32 16.59
C PRO A 108 -11.63 1.05 16.60
N GLU A 109 -10.63 0.54 17.28
CA GLU A 109 -9.40 1.30 17.40
C GLU A 109 -8.35 0.91 16.31
N ALA A 110 -8.65 -0.08 15.48
CA ALA A 110 -7.73 -0.49 14.43
C ALA A 110 -7.86 0.39 13.17
N ARG A 111 -6.78 0.45 12.35
CA ARG A 111 -6.81 1.22 11.08
C ARG A 111 -6.25 0.43 9.89
N HIS A 112 -6.75 0.65 8.67
CA HIS A 112 -6.21 -0.11 7.55
C HIS A 112 -4.86 0.31 7.09
N GLN A 113 -4.37 1.45 7.58
CA GLN A 113 -3.07 1.97 7.18
C GLN A 113 -2.33 2.39 8.38
N VAL A 114 -1.05 2.08 8.46
CA VAL A 114 -0.24 2.58 9.60
C VAL A 114 1.10 2.88 9.00
N VAL A 115 1.57 4.11 9.20
CA VAL A 115 2.85 4.52 8.70
C VAL A 115 3.86 4.50 9.86
N VAL A 116 4.92 3.72 9.76
CA VAL A 116 5.96 3.73 10.77
C VAL A 116 7.06 4.73 10.39
N PRO A 117 7.22 5.83 11.16
CA PRO A 117 8.19 6.86 10.71
C PRO A 117 9.59 6.31 10.63
N ARG A 118 10.39 6.79 9.68
CA ARG A 118 11.72 6.27 9.52
C ARG A 118 12.44 6.37 10.84
N ARG A 119 13.32 5.46 11.14
CA ARG A 119 14.22 5.56 12.26
C ARG A 119 13.62 5.16 13.58
N VAL A 120 12.34 4.87 13.58
CA VAL A 120 11.68 4.28 14.71
C VAL A 120 12.02 2.80 14.79
N TRP A 121 12.28 2.30 15.99
CA TRP A 121 12.49 0.84 16.20
C TRP A 121 11.12 0.25 16.33
N PHE A 122 10.80 -0.77 15.54
CA PHE A 122 9.47 -1.32 15.60
C PHE A 122 9.40 -2.81 15.49
N ALA A 123 8.34 -3.36 16.06
CA ALA A 123 8.18 -4.80 16.13
C ALA A 123 6.68 -5.05 16.02
N GLN A 124 6.28 -6.23 15.61
CA GLN A 124 4.88 -6.48 15.46
C GLN A 124 4.36 -7.85 15.92
N GLU A 125 3.22 -7.88 16.57
CA GLU A 125 2.57 -9.15 16.88
C GLU A 125 1.08 -9.18 16.52
N VAL A 126 0.51 -10.38 16.44
CA VAL A 126 -0.89 -10.61 16.13
C VAL A 126 -1.42 -11.66 17.08
N ASP A 127 -2.73 -11.72 17.22
CA ASP A 127 -3.34 -12.77 18.00
C ASP A 127 -3.80 -13.96 17.20
N GLY A 128 -3.98 -13.78 15.91
CA GLY A 128 -4.33 -14.86 15.02
C GLY A 128 -3.43 -14.93 13.83
N TYR A 129 -3.78 -14.20 12.79
CA TYR A 129 -2.92 -14.08 11.65
C TYR A 129 -3.27 -12.80 10.94
N CYS A 130 -2.33 -12.19 10.27
CA CYS A 130 -2.67 -11.05 9.49
C CYS A 130 -1.94 -11.07 8.18
N LEU A 131 -2.59 -10.71 7.10
CA LEU A 131 -1.88 -10.48 5.88
C LEU A 131 -1.83 -9.00 5.63
N ALA A 132 -0.66 -8.47 5.45
CA ALA A 132 -0.49 -7.08 5.13
C ALA A 132 0.36 -6.90 3.89
N SER A 133 0.15 -5.77 3.22
CA SER A 133 1.11 -5.29 2.23
C SER A 133 1.95 -4.20 2.88
N VAL A 134 3.27 -4.19 2.67
CA VAL A 134 4.11 -3.24 3.36
C VAL A 134 4.98 -2.51 2.38
N LEU A 135 4.93 -1.18 2.38
CA LEU A 135 5.62 -0.46 1.34
C LEU A 135 6.68 0.46 1.99
N VAL A 136 7.81 0.62 1.32
CA VAL A 136 8.88 1.43 1.82
C VAL A 136 9.29 2.40 0.73
N ALA A 137 9.38 3.67 1.04
CA ALA A 137 9.86 4.62 0.08
C ALA A 137 10.70 5.59 0.81
N PRO A 138 11.95 5.75 0.45
CA PRO A 138 12.63 5.06 -0.62
C PRO A 138 12.66 3.59 -0.40
N GLY A 139 12.71 2.83 -1.49
CA GLY A 139 12.54 1.39 -1.49
C GLY A 139 13.56 0.66 -0.71
N PHE A 140 13.18 -0.51 -0.20
CA PHE A 140 14.00 -1.29 0.73
C PHE A 140 15.33 -1.67 0.11
N ASP A 141 16.38 -1.63 0.93
CA ASP A 141 17.71 -2.04 0.54
C ASP A 141 18.37 -2.40 1.84
N PHE A 142 18.96 -3.58 1.92
CA PHE A 142 19.58 -4.11 3.11
C PHE A 142 20.63 -3.23 3.77
N LYS A 143 21.32 -2.40 3.02
CA LYS A 143 22.22 -1.43 3.66
C LYS A 143 21.53 -0.42 4.57
N ASP A 144 20.22 -0.29 4.49
CA ASP A 144 19.48 0.65 5.32
C ASP A 144 18.82 -0.03 6.51
N PHE A 145 18.97 -1.34 6.62
CA PHE A 145 18.24 -2.11 7.61
C PHE A 145 19.11 -2.40 8.88
N SER A 146 18.48 -2.30 10.03
CA SER A 146 19.15 -2.69 11.26
C SER A 146 18.23 -3.62 12.03
N LEU A 147 18.75 -4.75 12.46
CA LEU A 147 18.07 -5.63 13.33
C LEU A 147 18.51 -5.28 14.73
N GLY A 148 17.54 -5.08 15.61
CA GLY A 148 17.82 -4.72 16.98
C GLY A 148 18.46 -5.85 17.76
N LYS A 149 19.37 -5.50 18.65
CA LYS A 149 20.02 -6.49 19.50
C LYS A 149 19.51 -6.28 20.92
N ARG A 150 18.97 -7.33 21.52
CA ARG A 150 18.42 -7.21 22.87
C ARG A 150 19.20 -6.28 23.80
N GLU A 151 20.52 -6.51 23.87
CA GLU A 151 21.42 -5.84 24.81
C GLU A 151 21.61 -4.36 24.49
N GLU A 152 21.84 -4.04 23.24
CA GLU A 152 21.98 -2.66 22.87
C GLU A 152 20.69 -1.89 23.05
N LEU A 153 19.56 -2.49 22.73
CA LEU A 153 18.28 -1.82 22.93
C LEU A 153 17.89 -1.58 24.37
N ILE A 154 18.17 -2.53 25.23
CA ILE A 154 17.92 -2.35 26.64
C ILE A 154 18.88 -1.35 27.23
N LYS A 155 20.08 -1.28 26.74
CA LYS A 155 20.99 -0.27 27.19
C LYS A 155 20.44 1.13 26.93
N GLU A 156 19.83 1.25 25.79
CA GLU A 156 19.39 2.44 25.14
C GLU A 156 18.05 2.87 25.69
N TYR A 157 17.16 1.91 25.85
CA TYR A 157 15.81 2.20 26.31
C TYR A 157 15.40 1.35 27.51
N PRO A 158 16.11 1.53 28.64
CA PRO A 158 15.85 0.65 29.83
C PRO A 158 14.38 0.68 30.30
N GLN A 159 13.68 1.80 30.12
CA GLN A 159 12.28 1.90 30.52
C GLN A 159 11.31 1.04 29.66
N HIS A 160 11.82 0.35 28.66
CA HIS A 160 10.98 -0.42 27.78
C HIS A 160 11.44 -1.86 27.75
N ARG A 161 12.18 -2.26 28.78
CA ARG A 161 12.67 -3.63 28.90
C ARG A 161 11.60 -4.70 28.60
N ASP A 162 10.41 -4.59 29.16
CA ASP A 162 9.41 -5.64 28.91
C ASP A 162 9.16 -5.89 27.43
N VAL A 163 8.87 -4.82 26.71
CA VAL A 163 8.53 -4.98 25.32
C VAL A 163 9.75 -5.38 24.51
N ILE A 164 10.93 -4.89 24.86
CA ILE A 164 12.13 -5.33 24.13
C ILE A 164 12.39 -6.84 24.34
N MET A 165 12.15 -7.31 25.57
CA MET A 165 12.27 -8.72 25.94
C MET A 165 11.33 -9.55 25.09
N ARG A 166 10.06 -9.18 25.08
CA ARG A 166 9.05 -9.89 24.30
C ARG A 166 9.38 -9.89 22.77
N CYS A 167 10.03 -8.85 22.25
CA CYS A 167 10.27 -8.78 20.80
C CYS A 167 11.71 -8.76 20.33
N THR A 168 12.56 -9.55 20.94
CA THR A 168 13.89 -9.75 20.45
C THR A 168 14.21 -11.16 20.74
N SER A 169 15.29 -11.65 20.13
CA SER A 169 15.72 -13.02 20.34
C SER A 169 16.99 -13.09 21.18
N SER A 170 17.01 -14.01 22.14
CA SER A 170 18.16 -14.18 23.01
C SER A 170 19.29 -13.22 22.64
N GLU B 10 -21.87 2.23 6.99
CA GLU B 10 -22.89 1.23 7.07
C GLU B 10 -23.11 0.69 5.73
N GLU B 11 -22.17 -0.16 5.31
CA GLU B 11 -20.84 -0.21 5.93
C GLU B 11 -20.05 0.89 5.21
N VAL B 12 -20.49 1.19 3.99
CA VAL B 12 -19.90 2.26 3.21
C VAL B 12 -19.85 3.57 4.02
N LYS B 13 -20.97 3.98 4.63
CA LYS B 13 -20.99 5.24 5.39
C LYS B 13 -20.10 5.21 6.61
N ARG B 14 -19.99 4.04 7.27
CA ARG B 14 -19.13 3.95 8.42
C ARG B 14 -17.74 4.24 7.99
N LEU B 15 -17.37 3.72 6.82
CA LEU B 15 -16.02 3.87 6.36
C LEU B 15 -15.79 5.30 5.89
N ILE B 16 -16.77 5.88 5.19
CA ILE B 16 -16.66 7.30 4.84
C ILE B 16 -16.54 8.18 6.07
N ALA B 17 -17.34 7.89 7.12
CA ALA B 17 -17.22 8.64 8.38
C ALA B 17 -15.88 8.45 8.99
N LEU B 18 -15.56 7.21 9.21
CA LEU B 18 -14.39 6.85 9.92
C LEU B 18 -13.12 7.29 9.22
N TYR B 19 -13.06 7.17 7.92
CA TYR B 19 -11.84 7.59 7.21
C TYR B 19 -11.90 9.00 6.58
N GLU B 20 -13.05 9.67 6.75
CA GLU B 20 -13.18 11.07 6.38
C GLU B 20 -12.97 11.20 4.92
N LEU B 21 -13.61 10.33 4.17
CA LEU B 21 -13.53 10.36 2.72
C LEU B 21 -14.41 11.44 2.17
N THR B 22 -14.12 11.92 0.96
CA THR B 22 -14.92 12.94 0.37
C THR B 22 -15.10 12.55 -1.09
N PRO B 23 -16.20 12.96 -1.76
CA PRO B 23 -16.35 12.56 -3.20
C PRO B 23 -15.18 13.05 -4.09
N HIS B 24 -14.56 12.12 -4.81
CA HIS B 24 -13.29 12.32 -5.59
C HIS B 24 -13.63 13.19 -6.79
N PRO B 25 -12.97 14.38 -6.96
CA PRO B 25 -13.36 15.37 -8.02
C PRO B 25 -13.43 14.68 -9.34
N ALA B 26 -12.34 13.96 -9.67
CA ALA B 26 -12.17 13.21 -10.95
C ALA B 26 -12.88 11.87 -11.14
N SER B 27 -13.69 11.41 -10.18
CA SER B 27 -14.16 9.99 -10.16
C SER B 27 -15.63 9.78 -9.64
N GLY B 28 -16.20 8.57 -9.74
CA GLY B 28 -17.48 8.24 -9.05
C GLY B 28 -17.30 7.57 -7.66
N GLY B 29 -16.16 7.87 -7.01
CA GLY B 29 -15.80 7.27 -5.74
C GLY B 29 -15.40 8.26 -4.67
N TRP B 30 -14.80 7.76 -3.60
CA TRP B 30 -14.55 8.55 -2.40
C TRP B 30 -13.12 8.37 -2.03
N PHE B 31 -12.51 9.38 -1.42
CA PHE B 31 -11.10 9.36 -1.19
C PHE B 31 -10.65 10.33 -0.08
N ARG B 32 -9.41 10.17 0.36
CA ARG B 32 -8.69 11.13 1.18
C ARG B 32 -7.20 10.73 1.08
N GLU B 33 -6.35 11.71 0.89
CA GLU B 33 -4.94 11.46 0.85
C GLU B 33 -4.50 11.41 2.27
N THR B 34 -4.01 10.26 2.68
CA THR B 34 -3.61 10.04 4.03
C THR B 34 -2.17 10.23 4.35
N TYR B 35 -1.30 10.18 3.35
CA TYR B 35 0.11 10.30 3.57
C TYR B 35 0.80 10.96 2.41
N ARG B 36 1.76 11.83 2.68
CA ARG B 36 2.61 12.38 1.67
C ARG B 36 4.00 12.46 2.24
N SER B 37 4.94 11.75 1.66
CA SER B 37 6.30 11.70 2.18
C SER B 37 7.06 13.03 2.21
N ASP B 38 7.79 13.26 3.30
CA ASP B 38 8.73 14.40 3.39
C ASP B 38 9.82 14.25 2.27
N VAL B 39 10.24 13.03 1.91
CA VAL B 39 11.35 12.89 0.99
C VAL B 39 10.98 13.17 -0.52
N GLN B 40 11.88 13.85 -1.24
CA GLN B 40 11.69 14.34 -2.63
C GLN B 40 12.54 13.57 -3.66
N VAL B 41 12.05 13.49 -4.89
CA VAL B 41 12.83 12.92 -5.94
C VAL B 41 12.79 13.97 -7.01
N GLU B 42 13.87 14.05 -7.71
CA GLU B 42 13.94 14.81 -8.93
C GLU B 42 13.98 13.72 -10.06
N ALA B 43 12.89 13.53 -10.79
CA ALA B 43 12.77 12.42 -11.74
C ALA B 43 12.50 12.98 -13.12
N GLU B 44 13.24 12.44 -14.10
CA GLU B 44 13.12 12.88 -15.51
C GLU B 44 11.71 12.62 -15.98
N GLY B 45 11.11 13.59 -16.66
CA GLY B 45 9.77 13.43 -17.11
C GLY B 45 8.78 14.05 -16.17
N PHE B 46 9.29 14.42 -14.99
CA PHE B 46 8.50 15.21 -14.04
C PHE B 46 8.89 16.69 -14.00
N ASP B 47 7.90 17.56 -14.15
CA ASP B 47 8.14 19.00 -14.01
C ASP B 47 8.34 19.43 -12.55
N GLY B 48 9.58 19.47 -12.07
CA GLY B 48 9.75 19.78 -10.64
C GLY B 48 9.94 18.60 -9.69
N LYS B 49 10.44 18.90 -8.49
CA LYS B 49 10.56 17.89 -7.41
C LYS B 49 9.22 17.22 -7.18
N ARG B 50 9.32 15.96 -6.79
CA ARG B 50 8.11 15.26 -6.37
C ARG B 50 8.36 14.62 -5.04
N SER B 51 7.30 14.33 -4.34
CA SER B 51 7.40 13.49 -3.20
C SER B 51 7.65 12.05 -3.61
N VAL B 52 8.36 11.33 -2.80
CA VAL B 52 8.64 9.96 -3.06
C VAL B 52 7.38 9.09 -3.05
N LEU B 53 6.48 9.32 -2.13
CA LEU B 53 5.24 8.56 -2.06
C LEU B 53 4.02 9.31 -1.56
N THR B 54 2.86 9.03 -2.11
CA THR B 54 1.61 9.56 -1.53
C THR B 54 0.71 8.33 -1.42
N MET B 55 -0.23 8.33 -0.47
CA MET B 55 -1.20 7.24 -0.36
C MET B 55 -2.59 7.85 -0.14
N ILE B 56 -3.63 7.36 -0.82
CA ILE B 56 -5.01 7.71 -0.46
C ILE B 56 -5.77 6.49 0.03
N TYR B 57 -6.90 6.67 0.76
CA TYR B 57 -7.94 5.65 0.79
C TYR B 57 -8.78 5.95 -0.41
N TYR B 58 -9.36 4.92 -1.03
CA TYR B 58 -10.23 5.08 -2.19
C TYR B 58 -11.35 4.07 -2.08
N LEU B 59 -12.60 4.54 -2.02
CA LEU B 59 -13.74 3.64 -1.84
C LEU B 59 -14.63 3.84 -3.01
N MET B 60 -15.13 2.73 -3.55
CA MET B 60 -15.97 2.74 -4.74
C MET B 60 -17.21 1.97 -4.50
N GLN B 61 -18.28 2.36 -5.21
CA GLN B 61 -19.61 1.75 -5.12
C GLN B 61 -20.10 1.41 -6.50
N ALA B 62 -21.05 0.49 -6.59
CA ALA B 62 -21.53 0.02 -7.90
C ALA B 62 -22.21 1.13 -8.67
N GLY B 63 -22.13 1.08 -9.98
CA GLY B 63 -22.80 2.06 -10.79
C GLY B 63 -21.98 3.22 -11.23
N GLN B 64 -21.03 3.63 -10.44
CA GLN B 64 -20.28 4.81 -10.80
C GLN B 64 -18.84 4.49 -11.07
N PRO B 65 -18.47 4.27 -12.32
CA PRO B 65 -17.10 3.94 -12.69
C PRO B 65 -16.15 5.07 -12.55
N ASP B 66 -15.02 4.85 -11.94
CA ASP B 66 -13.93 5.83 -11.95
C ASP B 66 -13.48 5.84 -13.40
N PRO B 67 -13.64 6.96 -14.12
CA PRO B 67 -13.36 6.98 -15.55
C PRO B 67 -11.88 6.94 -16.00
N PHE B 68 -11.64 6.61 -17.26
CA PHE B 68 -10.27 6.51 -17.77
C PHE B 68 -9.47 7.70 -17.45
N HIS B 69 -8.25 7.44 -16.96
CA HIS B 69 -7.31 8.47 -16.57
C HIS B 69 -5.93 7.85 -16.52
N ARG B 70 -4.89 8.69 -16.41
CA ARG B 70 -3.56 8.21 -16.32
C ARG B 70 -2.70 9.25 -15.67
N VAL B 71 -1.54 8.80 -15.16
CA VAL B 71 -0.59 9.56 -14.41
C VAL B 71 0.82 9.20 -14.93
N LYS B 72 1.89 9.72 -14.31
CA LYS B 72 3.25 9.48 -14.81
C LYS B 72 3.98 8.45 -13.96
N SER B 73 3.31 7.94 -12.95
CA SER B 73 3.92 6.94 -12.04
C SER B 73 3.13 5.64 -12.09
N ASP B 74 3.80 4.54 -11.70
CA ASP B 74 3.07 3.33 -11.39
C ASP B 74 2.08 3.63 -10.29
N GLU B 75 0.90 3.08 -10.40
CA GLU B 75 -0.08 3.34 -9.33
C GLU B 75 -0.43 2.01 -8.68
N THR B 76 -0.20 1.87 -7.39
CA THR B 76 -0.37 0.59 -6.73
C THR B 76 -1.65 0.55 -5.90
N PHE B 77 -2.55 -0.35 -6.24
CA PHE B 77 -3.75 -0.54 -5.54
C PHE B 77 -3.60 -1.71 -4.58
N VAL B 78 -4.19 -1.56 -3.38
CA VAL B 78 -4.12 -2.55 -2.33
C VAL B 78 -5.48 -2.74 -1.67
N HIS B 79 -6.00 -3.97 -1.70
CA HIS B 79 -7.39 -4.21 -1.32
C HIS B 79 -7.54 -4.30 0.19
N ASN B 80 -8.43 -3.51 0.75
CA ASN B 80 -8.59 -3.43 2.20
C ASN B 80 -9.86 -4.21 2.57
N LEU B 81 -10.99 -3.88 1.93
CA LEU B 81 -12.29 -4.50 2.27
C LEU B 81 -13.27 -4.51 1.10
N GLY B 82 -14.29 -5.38 1.19
CA GLY B 82 -15.33 -5.33 0.20
C GLY B 82 -15.12 -6.27 -0.97
N GLY B 83 -15.87 -6.04 -2.04
CA GLY B 83 -15.88 -6.97 -3.15
C GLY B 83 -14.69 -6.63 -4.01
N SER B 84 -14.65 -7.22 -5.19
CA SER B 84 -13.58 -7.09 -6.14
C SER B 84 -13.74 -5.78 -6.93
N MET B 85 -12.66 -5.40 -7.60
CA MET B 85 -12.61 -4.17 -8.28
C MET B 85 -11.92 -4.51 -9.61
N LYS B 86 -12.64 -4.27 -10.72
CA LYS B 86 -12.10 -4.44 -12.01
C LYS B 86 -11.31 -3.21 -12.29
N ILE B 87 -10.06 -3.41 -12.68
CA ILE B 87 -9.27 -2.33 -13.16
C ILE B 87 -8.98 -2.51 -14.64
N HIS B 88 -9.72 -1.74 -15.45
CA HIS B 88 -9.57 -1.75 -16.90
C HIS B 88 -8.32 -1.03 -17.25
N MET B 89 -7.58 -1.55 -18.23
CA MET B 89 -6.36 -0.86 -18.69
C MET B 89 -6.25 -0.87 -20.20
N ILE B 90 -6.12 0.33 -20.78
CA ILE B 90 -5.58 0.49 -22.13
C ILE B 90 -4.10 1.00 -22.08
N HIS B 91 -3.17 0.19 -22.56
CA HIS B 91 -1.76 0.47 -22.51
C HIS B 91 -1.42 1.29 -23.75
N PRO B 92 -0.26 2.00 -23.76
CA PRO B 92 0.13 2.84 -24.93
C PRO B 92 0.20 2.08 -26.27
N ASP B 93 0.53 0.78 -26.28
CA ASP B 93 0.59 0.07 -27.55
C ASP B 93 -0.83 -0.25 -28.04
N GLY B 94 -1.85 0.16 -27.27
CA GLY B 94 -3.25 0.00 -27.70
C GLY B 94 -3.94 -1.24 -27.13
N SER B 95 -3.21 -2.15 -26.50
CA SER B 95 -3.78 -3.36 -25.95
C SER B 95 -4.58 -3.14 -24.69
N TYR B 96 -5.50 -4.06 -24.43
CA TYR B 96 -6.41 -3.94 -23.33
C TYR B 96 -6.12 -5.08 -22.38
N SER B 97 -6.06 -4.79 -21.07
CA SER B 97 -6.05 -5.87 -20.09
C SER B 97 -6.94 -5.48 -18.98
N CYS B 98 -7.18 -6.39 -18.06
CA CYS B 98 -8.05 -6.19 -16.93
C CYS B 98 -7.47 -6.90 -15.75
N SER B 99 -7.22 -6.20 -14.64
CA SER B 99 -6.79 -6.87 -13.42
C SER B 99 -7.91 -6.84 -12.39
N ILE B 100 -8.07 -7.94 -11.66
CA ILE B 100 -9.04 -8.02 -10.61
C ILE B 100 -8.36 -7.80 -9.23
N LEU B 101 -8.68 -6.67 -8.59
CA LEU B 101 -8.25 -6.39 -7.23
C LEU B 101 -9.25 -6.98 -6.29
N GLY B 102 -8.84 -7.87 -5.40
CA GLY B 102 -9.73 -8.44 -4.38
C GLY B 102 -9.02 -9.57 -3.64
N ASN B 103 -9.82 -10.45 -3.02
CA ASN B 103 -9.39 -11.49 -2.11
C ASN B 103 -9.49 -12.83 -2.85
N PRO B 104 -8.34 -13.46 -3.16
CA PRO B 104 -8.37 -14.79 -3.82
C PRO B 104 -9.04 -15.89 -2.92
N LEU B 105 -9.10 -15.73 -1.61
CA LEU B 105 -9.86 -16.69 -0.82
C LEU B 105 -11.35 -16.77 -1.20
N GLU B 106 -11.89 -15.70 -1.81
CA GLU B 106 -13.33 -15.60 -2.15
C GLU B 106 -13.47 -15.64 -3.66
N HIS B 107 -12.47 -15.14 -4.37
CA HIS B 107 -12.53 -15.05 -5.82
C HIS B 107 -11.14 -15.36 -6.31
N PRO B 108 -10.95 -16.58 -6.86
CA PRO B 108 -9.57 -17.07 -7.14
C PRO B 108 -8.82 -16.23 -8.16
N GLU B 109 -9.47 -15.39 -8.91
CA GLU B 109 -8.70 -14.72 -9.94
C GLU B 109 -8.28 -13.36 -9.44
N ALA B 110 -8.75 -13.02 -8.24
CA ALA B 110 -8.50 -11.72 -7.66
C ALA B 110 -7.14 -11.71 -6.92
N ARG B 111 -6.48 -10.53 -6.87
CA ARG B 111 -5.25 -10.34 -6.08
C ARG B 111 -5.33 -9.14 -5.09
N HIS B 112 -4.70 -9.24 -3.94
CA HIS B 112 -4.74 -8.11 -3.02
C HIS B 112 -3.92 -6.91 -3.48
N GLN B 113 -3.08 -7.09 -4.50
CA GLN B 113 -2.23 -5.97 -4.97
C GLN B 113 -2.35 -5.86 -6.45
N VAL B 114 -2.51 -4.67 -7.01
CA VAL B 114 -2.42 -4.57 -8.46
C VAL B 114 -1.66 -3.32 -8.76
N VAL B 115 -0.65 -3.44 -9.60
CA VAL B 115 0.15 -2.27 -9.93
C VAL B 115 -0.22 -1.84 -11.33
N VAL B 116 -0.67 -0.60 -11.48
CA VAL B 116 -1.01 -0.12 -12.81
C VAL B 116 0.19 0.63 -13.41
N PRO B 117 0.80 0.07 -14.48
CA PRO B 117 2.02 0.74 -15.01
C PRO B 117 1.79 2.18 -15.36
N ARG B 118 2.81 3.03 -15.22
CA ARG B 118 2.68 4.41 -15.56
C ARG B 118 2.26 4.57 -17.03
N ARG B 119 1.44 5.54 -17.34
CA ARG B 119 1.08 5.88 -18.69
C ARG B 119 -0.01 5.04 -19.28
N VAL B 120 -0.36 3.97 -18.62
CA VAL B 120 -1.52 3.19 -18.96
C VAL B 120 -2.83 3.94 -18.62
N TRP B 121 -3.84 3.91 -19.49
CA TRP B 121 -5.10 4.61 -19.17
C TRP B 121 -5.90 3.63 -18.37
N PHE B 122 -6.39 4.02 -17.20
CA PHE B 122 -7.16 3.05 -16.48
C PHE B 122 -8.41 3.60 -15.86
N ALA B 123 -9.34 2.70 -15.56
CA ALA B 123 -10.66 3.03 -15.06
C ALA B 123 -11.02 1.84 -14.20
N GLN B 124 -11.95 2.03 -13.28
CA GLN B 124 -12.28 0.93 -12.40
C GLN B 124 -13.77 0.80 -12.07
N GLU B 125 -14.24 -0.43 -11.90
CA GLU B 125 -15.62 -0.64 -11.49
C GLU B 125 -15.73 -1.78 -10.49
N VAL B 126 -16.81 -1.78 -9.71
CA VAL B 126 -17.07 -2.78 -8.69
C VAL B 126 -18.51 -3.21 -8.84
N ASP B 127 -18.85 -4.43 -8.40
CA ASP B 127 -20.25 -4.87 -8.35
C ASP B 127 -20.92 -4.57 -6.99
N GLY B 128 -20.16 -4.42 -5.90
CA GLY B 128 -20.72 -4.01 -4.61
C GLY B 128 -20.06 -2.73 -4.11
N TYR B 129 -19.05 -2.88 -3.29
CA TYR B 129 -18.21 -1.75 -2.91
C TYR B 129 -16.81 -2.32 -2.59
N CYS B 130 -15.80 -1.48 -2.64
CA CYS B 130 -14.50 -1.93 -2.37
C CYS B 130 -13.81 -0.76 -1.72
N LEU B 131 -13.16 -1.01 -0.57
CA LEU B 131 -12.21 -0.01 -0.03
C LEU B 131 -10.77 -0.44 -0.42
N ALA B 132 -10.02 0.49 -1.00
CA ALA B 132 -8.68 0.25 -1.39
C ALA B 132 -7.80 1.32 -0.76
N SER B 133 -6.51 0.99 -0.55
CA SER B 133 -5.46 2.00 -0.38
C SER B 133 -4.70 2.15 -1.71
N VAL B 134 -4.42 3.36 -2.15
CA VAL B 134 -3.86 3.46 -3.48
C VAL B 134 -2.61 4.29 -3.34
N LEU B 135 -1.48 3.73 -3.76
CA LEU B 135 -0.24 4.45 -3.61
C LEU B 135 0.41 4.82 -4.96
N VAL B 136 1.14 5.93 -4.99
CA VAL B 136 1.71 6.39 -6.25
C VAL B 136 3.12 6.85 -5.95
N ALA B 137 4.10 6.40 -6.72
CA ALA B 137 5.46 6.86 -6.48
C ALA B 137 6.10 6.98 -7.82
N PRO B 138 6.66 8.14 -8.19
CA PRO B 138 6.73 9.41 -7.47
C PRO B 138 5.33 9.88 -7.11
N GLY B 139 5.22 10.72 -6.07
CA GLY B 139 3.93 10.96 -5.39
C GLY B 139 3.03 11.80 -6.27
N PHE B 140 1.72 11.72 -6.02
CA PHE B 140 0.71 12.35 -6.88
C PHE B 140 0.84 13.86 -6.91
N ASP B 141 0.67 14.44 -8.08
CA ASP B 141 0.66 15.85 -8.21
C ASP B 141 -0.21 16.08 -9.44
N PHE B 142 -1.12 17.05 -9.38
CA PHE B 142 -2.07 17.30 -10.48
C PHE B 142 -1.42 17.65 -11.83
N LYS B 143 -0.23 18.18 -11.83
CA LYS B 143 0.46 18.43 -13.08
C LYS B 143 0.75 17.15 -13.84
N ASP B 144 0.72 15.99 -13.18
CA ASP B 144 1.05 14.75 -13.83
C ASP B 144 -0.22 13.97 -14.17
N PHE B 145 -1.39 14.51 -13.86
CA PHE B 145 -2.62 13.76 -14.02
C PHE B 145 -3.31 14.10 -15.36
N SER B 146 -3.88 13.11 -16.06
CA SER B 146 -4.69 13.40 -17.25
C SER B 146 -6.02 12.70 -17.10
N LEU B 147 -7.10 13.47 -17.22
CA LEU B 147 -8.40 12.88 -17.26
C LEU B 147 -8.73 12.65 -18.73
N GLY B 148 -9.11 11.45 -19.07
CA GLY B 148 -9.25 11.16 -20.49
C GLY B 148 -10.57 11.69 -21.02
N LYS B 149 -10.57 12.21 -22.26
CA LYS B 149 -11.81 12.69 -22.89
C LYS B 149 -12.39 11.63 -23.80
N ARG B 150 -13.65 11.27 -23.62
CA ARG B 150 -14.31 10.24 -24.49
C ARG B 150 -13.85 10.24 -25.95
N GLU B 151 -14.01 11.40 -26.58
CA GLU B 151 -13.78 11.56 -28.01
C GLU B 151 -12.31 11.40 -28.41
N GLU B 152 -11.39 11.91 -27.60
CA GLU B 152 -9.97 11.69 -27.86
C GLU B 152 -9.57 10.24 -27.67
N LEU B 153 -10.16 9.54 -26.72
CA LEU B 153 -9.81 8.14 -26.49
C LEU B 153 -10.36 7.19 -27.56
N ILE B 154 -11.60 7.44 -27.98
CA ILE B 154 -12.20 6.69 -29.07
C ILE B 154 -11.34 6.90 -30.31
N LYS B 155 -10.96 8.14 -30.59
CA LYS B 155 -10.10 8.41 -31.75
C LYS B 155 -8.74 7.68 -31.66
N GLU B 156 -8.12 7.67 -30.48
CA GLU B 156 -6.88 6.94 -30.28
C GLU B 156 -7.02 5.40 -30.29
N TYR B 157 -8.09 4.90 -29.65
CA TYR B 157 -8.32 3.46 -29.47
C TYR B 157 -9.73 2.97 -29.90
N PRO B 158 -10.05 3.10 -31.22
CA PRO B 158 -11.38 2.79 -31.76
C PRO B 158 -11.83 1.36 -31.45
N GLN B 159 -10.90 0.42 -31.37
CA GLN B 159 -11.23 -0.95 -31.05
C GLN B 159 -11.63 -1.21 -29.59
N HIS B 160 -11.64 -0.17 -28.77
CA HIS B 160 -11.95 -0.29 -27.35
C HIS B 160 -13.10 0.63 -27.01
N ARG B 161 -13.86 1.00 -28.06
CA ARG B 161 -15.00 1.87 -27.96
C ARG B 161 -15.96 1.46 -26.82
N ASP B 162 -16.31 0.18 -26.69
CA ASP B 162 -17.24 -0.21 -25.62
C ASP B 162 -16.81 0.15 -24.22
N VAL B 163 -15.60 -0.22 -23.87
CA VAL B 163 -15.14 0.00 -22.53
C VAL B 163 -14.92 1.47 -22.34
N ILE B 164 -14.52 2.17 -23.39
CA ILE B 164 -14.36 3.62 -23.27
C ILE B 164 -15.71 4.33 -22.99
N MET B 165 -16.77 3.83 -23.62
CA MET B 165 -18.12 4.39 -23.48
C MET B 165 -18.60 4.17 -22.05
N ARG B 166 -18.49 2.94 -21.58
CA ARG B 166 -18.84 2.58 -20.21
C ARG B 166 -18.06 3.41 -19.14
N CYS B 167 -16.84 3.84 -19.45
CA CYS B 167 -15.95 4.43 -18.44
C CYS B 167 -15.44 5.83 -18.76
N THR B 168 -16.28 6.62 -19.41
CA THR B 168 -16.07 8.06 -19.56
C THR B 168 -17.42 8.75 -19.38
N SER B 169 -17.41 10.03 -19.02
CA SER B 169 -18.61 10.89 -19.10
C SER B 169 -18.74 11.58 -20.49
N SER B 170 -19.95 12.03 -20.80
CA SER B 170 -20.41 12.39 -22.19
C SER B 170 -19.51 13.32 -23.00
PB GDP C . 19.34 -14.67 1.56
O1B GDP C . 18.95 -15.02 2.96
O2B GDP C . 20.39 -13.58 1.58
O3B GDP C . 19.92 -15.89 0.93
O3A GDP C . 18.04 -14.20 0.77
PA GDP C . 16.80 -13.57 1.60
O1A GDP C . 17.31 -13.08 2.92
O2A GDP C . 15.61 -14.49 1.71
O5' GDP C . 16.33 -12.28 0.83
C5' GDP C . 16.26 -11.16 1.68
C4' GDP C . 14.98 -10.44 1.38
O4' GDP C . 14.64 -9.68 2.53
C3' GDP C . 15.12 -9.47 0.22
O3' GDP C . 14.40 -9.93 -0.93
C2' GDP C . 14.46 -8.22 0.78
O2' GDP C . 13.51 -7.79 -0.15
C1' GDP C . 13.74 -8.77 1.97
N9 GDP C . 13.07 -7.83 2.88
C8 GDP C . 12.94 -7.83 4.19
N7 GDP C . 12.18 -6.80 4.58
C5 GDP C . 11.77 -6.15 3.48
C6 GDP C . 10.95 -4.97 3.10
O6 GDP C . 10.38 -4.26 3.89
N1 GDP C . 10.85 -4.67 1.85
C2 GDP C . 11.45 -5.41 0.92
N2 GDP C . 11.36 -5.13 -0.38
N3 GDP C . 12.20 -6.47 1.17
C4 GDP C . 12.38 -6.87 2.40
C ACT D . 9.51 -5.52 7.93
O ACT D . 8.46 -4.97 8.29
OXT ACT D . 9.59 -6.73 8.33
CH3 ACT D . 10.53 -4.75 7.10
PB GDP E . -10.84 21.03 -4.85
O1B GDP E . -11.04 22.51 -5.02
O2B GDP E . -11.39 20.58 -3.53
O3B GDP E . -11.54 20.36 -5.98
O3A GDP E . -9.29 20.74 -4.94
PA GDP E . -8.76 19.58 -5.92
O1A GDP E . -7.90 20.14 -7.01
O2A GDP E . -9.90 18.86 -6.56
O5' GDP E . -8.03 18.58 -4.90
C5' GDP E . -8.64 17.31 -4.77
C4' GDP E . -7.68 16.14 -4.59
O4' GDP E . -7.56 15.30 -5.73
C3' GDP E . -6.25 16.45 -4.15
O3' GDP E . -6.10 16.31 -2.74
C2' GDP E . -5.47 15.32 -4.76
O2' GDP E . -4.76 14.71 -3.70
C1' GDP E . -6.59 14.42 -5.20
N9 GDP E . -6.25 13.15 -5.87
C8 GDP E . -6.87 12.49 -6.84
N7 GDP E . -6.26 11.32 -7.08
C5 GDP E . -5.24 11.18 -6.22
C6 GDP E . -4.15 10.22 -5.89
O6 GDP E . -3.96 9.15 -6.44
N1 GDP E . -3.32 10.56 -4.93
C2 GDP E . -3.45 11.71 -4.27
N2 GDP E . -2.61 12.02 -3.29
N3 GDP E . -4.39 12.60 -4.50
C4 GDP E . -5.27 12.41 -5.45
C ACT F . -6.98 7.30 -9.00
O ACT F . -8.22 7.37 -8.67
OXT ACT F . -6.61 6.19 -9.43
CH3 ACT F . -5.94 8.42 -8.94
#